data_5OOG
#
_entry.id   5OOG
#
_cell.length_a   40.261
_cell.length_b   49.474
_cell.length_c   107.612
_cell.angle_alpha   90.00
_cell.angle_beta   90.00
_cell.angle_gamma   90.00
#
_symmetry.space_group_name_H-M   'P 21 21 21'
#
loop_
_entity.id
_entity.type
_entity.pdbx_description
1 polymer 'Flavin reductase (NADPH)'
2 non-polymer 'Phloxine B'
3 non-polymer GLYCEROL
4 non-polymer 'PHOSPHATE ION'
5 non-polymer 'NADP NICOTINAMIDE-ADENINE-DINUCLEOTIDE PHOSPHATE'
6 water water
#
_entity_poly.entity_id   1
_entity_poly.type   'polypeptide(L)'
_entity_poly.pdbx_seq_one_letter_code
;MAVKKIAIFGATGQTGLTTLAQAVQAGYEVTVLVRDSSRLPSEGPRPAHVVVGDVLQAADVDKTVAGQDAVIVLLGTRND
LSPTTVMSEGARNIVAAMKAHGVDKVVACTSAFLLWDPTKVPPRLQAVTDDHIRMHKVLRESGLKYVAVMPPHIGDQPLT
GAYTVTLDGRGPSRVISKHDLGHFMLRCLTTDEYDGHSTYPSHQYQ
;
_entity_poly.pdbx_strand_id   A
#
# COMPACT_ATOMS: atom_id res chain seq x y z
N ALA A 2 14.53 -6.30 -13.51
CA ALA A 2 14.15 -5.57 -12.29
C ALA A 2 12.95 -4.67 -12.52
N VAL A 3 12.23 -4.36 -11.46
CA VAL A 3 11.09 -3.47 -11.56
C VAL A 3 11.57 -2.06 -11.89
N LYS A 4 10.97 -1.44 -12.91
CA LYS A 4 11.25 -0.05 -13.27
C LYS A 4 10.01 0.82 -13.26
N LYS A 5 8.89 0.30 -13.79
CA LYS A 5 7.63 1.03 -13.88
C LYS A 5 6.69 0.50 -12.82
N ILE A 6 6.15 1.39 -12.01
CA ILE A 6 5.17 1.02 -11.01
C ILE A 6 3.97 1.93 -11.05
N ALA A 7 2.83 1.37 -10.67
CA ALA A 7 1.64 2.14 -10.32
C ALA A 7 1.50 2.20 -8.81
N ILE A 8 1.14 3.38 -8.30
CA ILE A 8 0.79 3.54 -6.89
C ILE A 8 -0.65 3.97 -6.83
N PHE A 9 -1.45 3.25 -6.05
CA PHE A 9 -2.80 3.61 -5.68
C PHE A 9 -2.77 4.16 -4.25
N GLY A 10 -3.49 5.24 -4.01
CA GLY A 10 -3.42 5.93 -2.74
C GLY A 10 -2.23 6.84 -2.58
N ALA A 11 -1.71 7.36 -3.68
CA ALA A 11 -0.50 8.19 -3.66
C ALA A 11 -0.70 9.52 -2.98
N THR A 12 -1.94 10.00 -2.83
CA THR A 12 -2.17 11.29 -2.18
C THR A 12 -2.46 11.16 -0.69
N GLY A 13 -2.42 9.95 -0.15
CA GLY A 13 -2.62 9.77 1.27
C GLY A 13 -1.34 10.00 2.05
N GLN A 14 -1.45 9.82 3.36
CA GLN A 14 -0.34 10.09 4.25
C GLN A 14 0.90 9.30 3.84
N THR A 15 0.74 8.01 3.71
CA THR A 15 1.86 7.15 3.37
C THR A 15 2.14 7.23 1.87
N GLY A 16 1.09 7.33 1.07
CA GLY A 16 1.26 7.43 -0.36
C GLY A 16 2.16 8.57 -0.81
N LEU A 17 2.00 9.75 -0.20
CA LEU A 17 2.77 10.91 -0.67
C LEU A 17 4.25 10.67 -0.51
N THR A 18 4.68 10.13 0.63
CA THR A 18 6.08 9.88 0.84
C THR A 18 6.57 8.68 0.06
N THR A 19 5.72 7.66 -0.12
CA THR A 19 6.12 6.55 -0.98
C THR A 19 6.35 7.01 -2.40
N LEU A 20 5.46 7.86 -2.89
CA LEU A 20 5.60 8.45 -4.21
C LEU A 20 6.90 9.23 -4.34
N ALA A 21 7.16 10.15 -3.40
CA ALA A 21 8.37 10.94 -3.48
C ALA A 21 9.61 10.05 -3.47
N GLN A 22 9.62 9.07 -2.54
CA GLN A 22 10.76 8.16 -2.45
C GLN A 22 10.93 7.34 -3.72
N ALA A 23 9.83 6.89 -4.30
CA ALA A 23 9.93 6.06 -5.50
C ALA A 23 10.53 6.83 -6.65
N VAL A 24 10.06 8.06 -6.84
CA VAL A 24 10.63 8.89 -7.92
C VAL A 24 12.10 9.17 -7.66
N GLN A 25 12.42 9.53 -6.41
CA GLN A 25 13.82 9.83 -6.10
C GLN A 25 14.72 8.63 -6.32
N ALA A 26 14.20 7.42 -6.09
CA ALA A 26 14.96 6.19 -6.27
C ALA A 26 15.12 5.78 -7.74
N GLY A 27 14.41 6.43 -8.65
CA GLY A 27 14.56 6.14 -10.07
C GLY A 27 13.42 5.37 -10.72
N TYR A 28 12.34 5.08 -10.01
CA TYR A 28 11.22 4.41 -10.62
C TYR A 28 10.47 5.37 -11.53
N GLU A 29 9.86 4.82 -12.58
CA GLU A 29 8.93 5.54 -13.44
C GLU A 29 7.54 5.26 -12.90
N VAL A 30 6.94 6.26 -12.26
CA VAL A 30 5.77 6.08 -11.42
C VAL A 30 4.53 6.65 -12.09
N THR A 31 3.47 5.86 -12.12
CA THR A 31 2.13 6.26 -12.52
C THR A 31 1.24 6.24 -11.29
N VAL A 32 0.41 7.26 -11.14
CA VAL A 32 -0.53 7.34 -10.03
C VAL A 32 -1.94 7.50 -10.55
N LEU A 33 -2.91 6.94 -9.84
CA LEU A 33 -4.33 7.19 -10.06
C LEU A 33 -4.82 8.07 -8.92
N VAL A 34 -5.35 9.23 -9.26
CA VAL A 34 -5.82 10.18 -8.27
C VAL A 34 -7.17 10.70 -8.69
N ARG A 35 -8.05 10.89 -7.73
CA ARG A 35 -9.33 11.51 -8.02
C ARG A 35 -9.21 13.01 -8.18
N ASP A 36 -8.29 13.62 -7.46
CA ASP A 36 -8.17 15.09 -7.37
C ASP A 36 -6.68 15.42 -7.44
N SER A 37 -6.23 15.89 -8.59
CA SER A 37 -4.81 16.14 -8.78
C SER A 37 -4.28 17.32 -7.97
N SER A 38 -5.14 18.15 -7.39
CA SER A 38 -4.67 19.22 -6.52
C SER A 38 -4.06 18.68 -5.24
N ARG A 39 -4.29 17.42 -4.94
CA ARG A 39 -3.74 16.80 -3.75
C ARG A 39 -2.32 16.28 -3.97
N LEU A 40 -1.81 16.35 -5.17
CA LEU A 40 -0.40 16.07 -5.42
C LEU A 40 0.43 17.34 -5.20
N PRO A 41 1.63 17.23 -4.66
CA PRO A 41 2.46 18.42 -4.43
C PRO A 41 3.14 18.96 -5.68
N SER A 42 3.45 20.26 -5.64
N SER A 42 3.47 20.25 -5.63
CA SER A 42 4.31 20.86 -6.65
CA SER A 42 4.30 20.87 -6.65
C SER A 42 5.79 20.68 -6.32
C SER A 42 5.78 20.75 -6.33
N GLU A 43 6.15 20.88 -5.06
CA GLU A 43 7.54 20.77 -4.68
C GLU A 43 7.93 19.31 -4.58
N GLY A 44 9.21 19.06 -4.75
CA GLY A 44 9.78 17.75 -4.59
C GLY A 44 9.57 16.89 -5.82
N PRO A 45 9.91 15.60 -5.69
CA PRO A 45 9.80 14.67 -6.81
C PRO A 45 8.37 14.54 -7.30
N ARG A 46 8.24 14.31 -8.60
CA ARG A 46 6.96 14.32 -9.30
C ARG A 46 6.76 13.01 -10.06
N PRO A 47 5.55 12.45 -10.08
CA PRO A 47 5.31 11.21 -10.83
C PRO A 47 5.51 11.44 -12.32
N ALA A 48 5.84 10.36 -13.03
CA ALA A 48 5.97 10.43 -14.48
C ALA A 48 4.63 10.51 -15.17
N HIS A 49 3.59 9.88 -14.61
CA HIS A 49 2.29 9.82 -15.25
C HIS A 49 1.20 9.95 -14.20
N VAL A 50 0.19 10.74 -14.50
CA VAL A 50 -0.94 10.95 -13.61
C VAL A 50 -2.19 10.57 -14.37
N VAL A 51 -2.96 9.63 -13.84
CA VAL A 51 -4.27 9.27 -14.34
C VAL A 51 -5.29 9.83 -13.36
N VAL A 52 -6.24 10.62 -13.86
CA VAL A 52 -7.33 11.14 -13.04
C VAL A 52 -8.49 10.17 -13.14
N GLY A 53 -8.95 9.69 -11.99
CA GLY A 53 -10.01 8.71 -11.98
C GLY A 53 -10.13 8.09 -10.60
N ASP A 54 -10.90 6.99 -10.56
CA ASP A 54 -11.35 6.41 -9.31
C ASP A 54 -11.04 4.92 -9.32
N VAL A 55 -10.56 4.42 -8.18
CA VAL A 55 -10.22 3.00 -8.09
C VAL A 55 -11.44 2.12 -8.19
N LEU A 56 -12.64 2.67 -8.03
CA LEU A 56 -13.87 1.92 -8.19
C LEU A 56 -14.31 1.81 -9.64
N GLN A 57 -13.63 2.48 -10.55
CA GLN A 57 -13.95 2.43 -11.96
C GLN A 57 -12.92 1.56 -12.64
N ALA A 58 -13.35 0.39 -13.12
CA ALA A 58 -12.44 -0.57 -13.73
C ALA A 58 -11.61 0.05 -14.83
N ALA A 59 -12.21 0.87 -15.69
CA ALA A 59 -11.47 1.43 -16.82
C ALA A 59 -10.34 2.35 -16.36
N ASP A 60 -10.56 3.08 -15.26
CA ASP A 60 -9.52 3.97 -14.72
C ASP A 60 -8.37 3.15 -14.15
N VAL A 61 -8.69 2.09 -13.44
CA VAL A 61 -7.67 1.20 -12.91
C VAL A 61 -6.91 0.53 -14.04
N ASP A 62 -7.62 0.09 -15.08
CA ASP A 62 -6.97 -0.58 -16.19
C ASP A 62 -5.92 0.31 -16.84
N LYS A 63 -6.27 1.59 -17.06
CA LYS A 63 -5.36 2.57 -17.64
C LYS A 63 -4.12 2.79 -16.77
N THR A 64 -4.26 2.68 -15.47
CA THR A 64 -3.17 2.93 -14.53
C THR A 64 -2.22 1.73 -14.49
N VAL A 65 -2.78 0.51 -14.56
CA VAL A 65 -1.99 -0.71 -14.42
C VAL A 65 -1.30 -1.10 -15.72
N ALA A 66 -1.87 -0.72 -16.86
CA ALA A 66 -1.28 -1.09 -18.14
C ALA A 66 0.19 -0.69 -18.20
N GLY A 67 1.03 -1.63 -18.63
CA GLY A 67 2.42 -1.38 -18.86
C GLY A 67 3.31 -1.40 -17.63
N GLN A 68 2.76 -1.61 -16.43
CA GLN A 68 3.60 -1.57 -15.23
C GLN A 68 4.31 -2.89 -15.01
N ASP A 69 5.34 -2.84 -14.16
CA ASP A 69 6.05 -4.00 -13.66
C ASP A 69 5.54 -4.45 -12.31
N ALA A 70 4.98 -3.54 -11.52
CA ALA A 70 4.47 -3.86 -10.18
C ALA A 70 3.50 -2.78 -9.75
N VAL A 71 2.76 -3.09 -8.72
CA VAL A 71 1.72 -2.22 -8.14
C VAL A 71 1.93 -2.09 -6.64
N ILE A 72 1.84 -0.85 -6.16
N ILE A 72 1.83 -0.86 -6.14
CA ILE A 72 1.79 -0.53 -4.74
CA ILE A 72 1.80 -0.57 -4.70
C ILE A 72 0.38 -0.08 -4.42
C ILE A 72 0.43 -0.03 -4.36
N VAL A 73 -0.18 -0.59 -3.32
CA VAL A 73 -1.52 -0.24 -2.88
C VAL A 73 -1.44 0.35 -1.48
N LEU A 74 -1.82 1.63 -1.39
CA LEU A 74 -1.87 2.41 -0.16
C LEU A 74 -3.21 3.13 -0.05
N LEU A 75 -4.26 2.46 -0.52
CA LEU A 75 -5.62 2.95 -0.37
C LEU A 75 -6.03 2.98 1.08
N GLY A 76 -6.95 3.88 1.37
CA GLY A 76 -7.50 4.03 2.70
C GLY A 76 -8.67 4.98 2.66
N THR A 77 -9.24 5.22 3.82
CA THR A 77 -10.49 5.96 3.92
C THR A 77 -10.32 7.34 4.55
N ARG A 78 -9.09 7.82 4.68
CA ARG A 78 -8.81 9.09 5.36
C ARG A 78 -9.44 9.02 6.74
N ASN A 79 -10.26 9.98 7.14
CA ASN A 79 -10.79 9.95 8.49
C ASN A 79 -12.10 9.19 8.62
N ASP A 80 -12.55 8.52 7.57
CA ASP A 80 -13.89 7.94 7.55
C ASP A 80 -13.84 6.51 8.06
N LEU A 81 -14.49 6.26 9.18
CA LEU A 81 -14.49 4.94 9.81
C LEU A 81 -15.77 4.17 9.55
N SER A 82 -16.63 4.65 8.66
N SER A 82 -16.60 4.65 8.63
CA SER A 82 -17.90 3.99 8.44
CA SER A 82 -17.87 4.01 8.33
C SER A 82 -17.73 2.70 7.62
C SER A 82 -17.67 2.63 7.69
N PRO A 83 -18.71 1.78 7.72
CA PRO A 83 -18.65 0.55 6.91
C PRO A 83 -18.36 0.86 5.46
N THR A 84 -17.54 0.02 4.84
CA THR A 84 -16.96 0.39 3.57
C THR A 84 -16.54 -0.85 2.80
N THR A 85 -16.60 -0.75 1.47
CA THR A 85 -16.00 -1.72 0.57
C THR A 85 -15.04 -1.08 -0.42
N VAL A 86 -14.62 0.16 -0.19
CA VAL A 86 -13.80 0.85 -1.17
C VAL A 86 -12.49 0.12 -1.41
N MET A 87 -11.83 -0.29 -0.33
CA MET A 87 -10.51 -0.90 -0.50
C MET A 87 -10.60 -2.26 -1.16
N SER A 88 -11.55 -3.08 -0.75
CA SER A 88 -11.67 -4.40 -1.34
C SER A 88 -12.18 -4.35 -2.77
N GLU A 89 -13.15 -3.49 -3.08
CA GLU A 89 -13.59 -3.35 -4.45
C GLU A 89 -12.48 -2.77 -5.32
N GLY A 90 -11.73 -1.82 -4.78
CA GLY A 90 -10.56 -1.33 -5.50
C GLY A 90 -9.58 -2.45 -5.79
N ALA A 91 -9.30 -3.26 -4.78
CA ALA A 91 -8.39 -4.38 -4.99
C ALA A 91 -8.90 -5.35 -6.03
N ARG A 92 -10.21 -5.63 -6.07
CA ARG A 92 -10.75 -6.48 -7.11
C ARG A 92 -10.45 -5.90 -8.49
N ASN A 93 -10.64 -4.59 -8.65
CA ASN A 93 -10.34 -3.96 -9.94
C ASN A 93 -8.86 -4.02 -10.26
N ILE A 94 -8.01 -3.82 -9.26
CA ILE A 94 -6.57 -3.86 -9.46
C ILE A 94 -6.14 -5.25 -9.91
N VAL A 95 -6.62 -6.32 -9.24
CA VAL A 95 -6.27 -7.68 -9.62
C VAL A 95 -6.71 -7.95 -11.05
N ALA A 96 -7.93 -7.57 -11.39
CA ALA A 96 -8.40 -7.80 -12.75
C ALA A 96 -7.53 -7.10 -13.78
N ALA A 97 -7.14 -5.85 -13.50
CA ALA A 97 -6.30 -5.13 -14.42
C ALA A 97 -4.90 -5.75 -14.51
N MET A 98 -4.34 -6.17 -13.38
CA MET A 98 -3.05 -6.83 -13.42
C MET A 98 -3.09 -8.08 -14.28
N LYS A 99 -4.14 -8.90 -14.11
CA LYS A 99 -4.25 -10.11 -14.93
C LYS A 99 -4.45 -9.77 -16.39
N ALA A 100 -5.22 -8.71 -16.69
CA ALA A 100 -5.45 -8.35 -18.07
C ALA A 100 -4.20 -7.84 -18.76
N HIS A 101 -3.22 -7.35 -18.00
CA HIS A 101 -2.04 -6.70 -18.55
C HIS A 101 -0.74 -7.42 -18.23
N GLY A 102 -0.80 -8.59 -17.59
CA GLY A 102 0.40 -9.36 -17.37
C GLY A 102 1.28 -8.92 -16.22
N VAL A 103 0.74 -8.12 -15.32
CA VAL A 103 1.49 -7.61 -14.17
C VAL A 103 1.32 -8.60 -13.03
N ASP A 104 2.40 -8.98 -12.37
CA ASP A 104 2.36 -10.11 -11.43
C ASP A 104 2.82 -9.83 -10.02
N LYS A 105 3.11 -8.57 -9.66
CA LYS A 105 3.63 -8.22 -8.34
C LYS A 105 2.83 -7.09 -7.75
N VAL A 106 2.30 -7.31 -6.57
CA VAL A 106 1.53 -6.30 -5.82
C VAL A 106 1.96 -6.30 -4.36
N VAL A 107 2.23 -5.11 -3.85
CA VAL A 107 2.58 -4.89 -2.45
C VAL A 107 1.48 -4.01 -1.90
N ALA A 108 0.75 -4.47 -0.92
CA ALA A 108 -0.45 -3.77 -0.46
C ALA A 108 -0.50 -3.68 1.04
N CYS A 109 -0.90 -2.52 1.52
CA CYS A 109 -0.99 -2.21 2.94
C CYS A 109 -2.40 -2.45 3.49
N THR A 110 -2.47 -3.22 4.56
CA THR A 110 -3.69 -3.35 5.35
C THR A 110 -3.34 -2.84 6.76
N SER A 111 -3.25 -3.72 7.75
CA SER A 111 -2.91 -3.28 9.09
C SER A 111 -2.50 -4.47 9.94
N ALA A 112 -1.78 -4.16 11.00
CA ALA A 112 -1.34 -5.15 11.98
C ALA A 112 -2.49 -5.82 12.68
N PHE A 113 -3.70 -5.23 12.67
CA PHE A 113 -4.83 -5.94 13.26
C PHE A 113 -5.07 -7.28 12.59
N LEU A 114 -4.62 -7.46 11.34
CA LEU A 114 -4.76 -8.76 10.66
C LEU A 114 -3.72 -9.76 11.11
N LEU A 115 -2.77 -9.38 11.96
CA LEU A 115 -1.84 -10.29 12.60
C LEU A 115 -2.09 -10.46 14.09
N TRP A 116 -2.64 -9.48 14.75
CA TRP A 116 -2.82 -9.49 16.19
C TRP A 116 -4.13 -10.22 16.53
N ASP A 117 -4.33 -10.45 17.81
CA ASP A 117 -5.53 -11.12 18.27
C ASP A 117 -6.74 -10.41 17.68
N PRO A 118 -7.57 -11.07 16.88
CA PRO A 118 -8.64 -10.37 16.16
C PRO A 118 -9.78 -9.92 17.05
N THR A 119 -9.83 -10.38 18.30
CA THR A 119 -10.83 -9.86 19.24
C THR A 119 -10.35 -8.60 19.95
N LYS A 120 -9.16 -8.08 19.59
CA LYS A 120 -8.58 -6.90 20.23
C LYS A 120 -8.54 -5.66 19.31
N VAL A 121 -9.41 -5.61 18.31
CA VAL A 121 -9.51 -4.42 17.46
C VAL A 121 -10.41 -3.40 18.15
N PRO A 122 -10.01 -2.13 18.22
CA PRO A 122 -10.87 -1.13 18.84
C PRO A 122 -12.18 -1.03 18.08
N PRO A 123 -13.32 -0.96 18.78
CA PRO A 123 -14.60 -0.92 18.05
C PRO A 123 -14.66 0.11 16.94
N ARG A 124 -14.09 1.29 17.13
CA ARG A 124 -14.20 2.32 16.10
C ARG A 124 -13.49 1.95 14.81
N LEU A 125 -12.55 1.00 14.86
CA LEU A 125 -11.80 0.58 13.69
C LEU A 125 -12.28 -0.75 13.12
N GLN A 126 -13.34 -1.35 13.67
CA GLN A 126 -13.74 -2.67 13.20
C GLN A 126 -14.24 -2.66 11.76
N ALA A 127 -15.00 -1.65 11.37
CA ALA A 127 -15.55 -1.64 10.02
C ALA A 127 -14.45 -1.52 8.97
N VAL A 128 -13.47 -0.64 9.20
CA VAL A 128 -12.36 -0.54 8.27
C VAL A 128 -11.57 -1.85 8.26
N THR A 129 -11.34 -2.43 9.44
CA THR A 129 -10.63 -3.70 9.51
C THR A 129 -11.34 -4.80 8.74
N ASP A 130 -12.68 -4.84 8.81
CA ASP A 130 -13.40 -5.85 8.05
C ASP A 130 -13.14 -5.69 6.56
N ASP A 131 -13.02 -4.46 6.06
CA ASP A 131 -12.71 -4.31 4.64
C ASP A 131 -11.25 -4.60 4.33
N HIS A 132 -10.32 -4.33 5.26
CA HIS A 132 -8.95 -4.77 5.06
C HIS A 132 -8.89 -6.29 4.94
N ILE A 133 -9.67 -7.00 5.75
CA ILE A 133 -9.70 -8.46 5.65
C ILE A 133 -10.25 -8.89 4.30
N ARG A 134 -11.31 -8.25 3.82
CA ARG A 134 -11.81 -8.54 2.48
C ARG A 134 -10.75 -8.28 1.40
N MET A 135 -10.04 -7.15 1.51
N MET A 135 -10.04 -7.16 1.53
CA MET A 135 -9.00 -6.86 0.52
CA MET A 135 -9.00 -6.82 0.58
C MET A 135 -7.86 -7.86 0.57
C MET A 135 -7.87 -7.84 0.58
N HIS A 136 -7.43 -8.24 1.77
CA HIS A 136 -6.38 -9.25 1.90
C HIS A 136 -6.79 -10.55 1.25
N LYS A 137 -8.06 -10.95 1.43
N LYS A 137 -8.07 -10.95 1.43
CA LYS A 137 -8.53 -12.19 0.78
CA LYS A 137 -8.57 -12.17 0.80
C LYS A 137 -8.47 -12.07 -0.72
C LYS A 137 -8.50 -12.06 -0.71
N VAL A 138 -8.96 -10.96 -1.28
CA VAL A 138 -8.91 -10.74 -2.72
C VAL A 138 -7.48 -10.92 -3.24
N LEU A 139 -6.52 -10.31 -2.55
CA LEU A 139 -5.16 -10.33 -3.03
C LEU A 139 -4.52 -11.69 -2.82
N ARG A 140 -4.77 -12.34 -1.69
CA ARG A 140 -4.21 -13.68 -1.46
C ARG A 140 -4.73 -14.68 -2.47
N GLU A 141 -6.00 -14.58 -2.85
CA GLU A 141 -6.62 -15.57 -3.73
C GLU A 141 -6.38 -15.27 -5.19
N SER A 142 -5.72 -14.16 -5.50
CA SER A 142 -5.49 -13.77 -6.88
C SER A 142 -4.47 -14.66 -7.56
N GLY A 143 -3.63 -15.30 -6.77
N GLY A 143 -3.60 -15.35 -6.84
CA GLY A 143 -2.51 -16.08 -7.23
CA GLY A 143 -2.58 -16.06 -7.60
C GLY A 143 -1.30 -15.26 -7.60
C GLY A 143 -1.58 -15.13 -8.25
N LEU A 144 -1.44 -13.94 -7.69
CA LEU A 144 -0.33 -13.05 -8.07
C LEU A 144 0.68 -13.04 -6.93
N LYS A 145 1.88 -12.54 -7.21
CA LYS A 145 2.90 -12.41 -6.17
C LYS A 145 2.51 -11.23 -5.30
N TYR A 146 2.16 -11.47 -4.08
CA TYR A 146 1.51 -10.50 -3.21
C TYR A 146 2.27 -10.44 -1.90
N VAL A 147 2.78 -9.25 -1.58
CA VAL A 147 3.35 -8.97 -0.27
C VAL A 147 2.31 -8.21 0.53
N ALA A 148 1.87 -8.78 1.64
CA ALA A 148 0.90 -8.16 2.53
C ALA A 148 1.68 -7.39 3.58
N VAL A 149 1.53 -6.09 3.61
CA VAL A 149 2.19 -5.22 4.59
C VAL A 149 1.15 -4.81 5.61
N MET A 150 1.41 -5.13 6.88
CA MET A 150 0.45 -5.04 7.97
C MET A 150 1.02 -4.17 9.07
N PRO A 151 1.02 -2.87 8.89
CA PRO A 151 1.74 -1.98 9.83
C PRO A 151 0.93 -1.72 11.09
N PRO A 152 1.63 -1.37 12.18
CA PRO A 152 0.98 -0.79 13.36
C PRO A 152 0.68 0.67 13.13
N HIS A 153 0.56 1.44 14.21
CA HIS A 153 0.27 2.85 14.09
C HIS A 153 1.29 3.52 13.18
N ILE A 154 0.80 4.33 12.24
CA ILE A 154 1.64 5.05 11.30
C ILE A 154 1.94 6.43 11.88
N GLY A 155 3.22 6.72 12.14
CA GLY A 155 3.65 7.96 12.74
C GLY A 155 4.29 8.90 11.74
N ASP A 156 4.79 10.03 12.29
N ASP A 156 4.75 10.05 12.24
CA ASP A 156 5.37 11.12 11.51
CA ASP A 156 5.41 11.03 11.38
C ASP A 156 6.88 11.22 11.67
C ASP A 156 6.86 11.27 11.80
N GLN A 157 7.51 10.23 12.31
CA GLN A 157 8.93 10.30 12.61
C GLN A 157 9.73 10.31 11.33
N PRO A 158 10.99 10.67 11.38
CA PRO A 158 11.77 10.72 10.14
C PRO A 158 11.98 9.36 9.48
N LEU A 159 12.35 9.44 8.22
CA LEU A 159 12.87 8.28 7.51
C LEU A 159 14.15 7.81 8.16
N THR A 160 14.24 6.51 8.42
CA THR A 160 15.45 5.90 8.96
C THR A 160 15.97 4.76 8.11
N GLY A 161 15.08 4.00 7.46
CA GLY A 161 15.52 2.78 6.82
C GLY A 161 16.08 1.73 7.74
N ALA A 162 15.82 1.83 9.04
CA ALA A 162 16.47 0.98 10.04
C ALA A 162 15.48 0.16 10.85
N TYR A 163 14.22 0.16 10.42
CA TYR A 163 13.16 -0.61 11.04
C TYR A 163 13.39 -2.11 10.87
N THR A 164 12.64 -2.85 11.67
CA THR A 164 12.65 -4.30 11.71
C THR A 164 11.39 -4.81 11.05
N VAL A 165 11.50 -5.89 10.31
CA VAL A 165 10.36 -6.54 9.67
C VAL A 165 10.24 -7.96 10.21
N THR A 166 9.12 -8.24 10.85
CA THR A 166 8.81 -9.60 11.29
C THR A 166 7.64 -10.14 10.50
N LEU A 167 7.36 -11.42 10.68
CA LEU A 167 6.32 -12.09 9.94
C LEU A 167 5.11 -12.41 10.80
N ASP A 168 5.10 -11.97 12.05
CA ASP A 168 4.08 -12.41 12.99
C ASP A 168 3.43 -11.31 13.81
N GLY A 169 3.78 -10.04 13.60
CA GLY A 169 3.15 -8.98 14.33
C GLY A 169 3.78 -8.65 15.66
N ARG A 170 4.80 -9.35 16.06
CA ARG A 170 5.58 -8.98 17.22
C ARG A 170 6.83 -8.26 16.69
N GLY A 171 7.31 -7.30 17.45
CA GLY A 171 8.51 -6.60 17.02
C GLY A 171 8.94 -5.60 18.06
N PRO A 172 9.88 -4.74 17.68
CA PRO A 172 10.41 -3.81 18.66
C PRO A 172 9.45 -2.74 19.09
N SER A 173 8.39 -2.44 18.32
CA SER A 173 7.45 -1.42 18.75
C SER A 173 6.11 -1.65 18.08
N ARG A 174 5.18 -0.76 18.39
CA ARG A 174 3.87 -0.66 17.77
C ARG A 174 3.73 0.63 16.97
N VAL A 175 4.84 1.12 16.42
N VAL A 175 4.84 1.11 16.40
CA VAL A 175 4.83 2.28 15.53
CA VAL A 175 4.79 2.26 15.51
C VAL A 175 5.75 2.01 14.34
C VAL A 175 5.78 2.09 14.36
N ILE A 176 5.39 2.60 13.20
CA ILE A 176 6.26 2.73 12.05
C ILE A 176 6.04 4.12 11.47
N SER A 177 7.11 4.84 11.15
N SER A 177 7.11 4.80 11.12
CA SER A 177 6.87 6.12 10.52
CA SER A 177 6.95 6.08 10.46
C SER A 177 6.35 5.94 9.10
C SER A 177 6.33 5.90 9.08
N LYS A 178 5.50 6.87 8.67
CA LYS A 178 5.00 6.83 7.30
C LYS A 178 6.14 6.74 6.30
N HIS A 179 7.26 7.44 6.57
CA HIS A 179 8.39 7.41 5.66
C HIS A 179 9.02 6.04 5.60
N ASP A 180 9.21 5.42 6.76
CA ASP A 180 9.76 4.07 6.80
C ASP A 180 8.83 3.04 6.18
N LEU A 181 7.53 3.22 6.37
CA LEU A 181 6.56 2.30 5.75
C LEU A 181 6.66 2.38 4.23
N GLY A 182 6.76 3.60 3.68
CA GLY A 182 6.96 3.75 2.24
C GLY A 182 8.27 3.15 1.76
N HIS A 183 9.33 3.35 2.53
CA HIS A 183 10.61 2.75 2.21
C HIS A 183 10.50 1.23 2.17
N PHE A 184 9.76 0.65 3.09
CA PHE A 184 9.58 -0.79 3.08
C PHE A 184 8.79 -1.26 1.87
N MET A 185 7.69 -0.56 1.55
N MET A 185 7.75 -0.54 1.49
CA MET A 185 6.92 -0.88 0.34
CA MET A 185 7.00 -1.04 0.35
C MET A 185 7.86 -1.02 -0.85
C MET A 185 7.80 -0.96 -0.93
N LEU A 186 8.75 -0.04 -1.02
CA LEU A 186 9.70 -0.04 -2.13
C LEU A 186 10.71 -1.16 -2.02
N ARG A 187 11.16 -1.48 -0.80
CA ARG A 187 12.08 -2.60 -0.63
C ARG A 187 11.47 -3.87 -1.18
N CYS A 188 10.17 -4.03 -0.98
CA CYS A 188 9.49 -5.25 -1.43
C CYS A 188 9.51 -5.40 -2.95
N LEU A 189 9.80 -4.35 -3.72
CA LEU A 189 9.94 -4.44 -5.17
C LEU A 189 11.23 -5.11 -5.63
N THR A 190 12.23 -5.22 -4.77
CA THR A 190 13.54 -5.72 -5.19
C THR A 190 13.89 -7.02 -4.51
N THR A 191 12.95 -7.67 -3.85
CA THR A 191 13.20 -9.00 -3.30
C THR A 191 11.93 -9.83 -3.45
N ASP A 192 12.12 -11.14 -3.53
CA ASP A 192 10.99 -12.04 -3.49
CA ASP A 192 11.04 -12.12 -3.51
C ASP A 192 10.77 -12.66 -2.11
N GLU A 193 11.56 -12.27 -1.11
CA GLU A 193 11.56 -12.98 0.16
C GLU A 193 10.26 -12.84 0.92
N TYR A 194 9.46 -11.80 0.64
CA TYR A 194 8.21 -11.60 1.33
C TYR A 194 6.99 -12.00 0.52
N ASP A 195 7.18 -12.48 -0.71
CA ASP A 195 6.04 -12.85 -1.53
C ASP A 195 5.30 -13.98 -0.84
N GLY A 196 3.98 -13.84 -0.74
CA GLY A 196 3.15 -14.82 -0.09
C GLY A 196 3.14 -14.74 1.40
N HIS A 197 3.81 -13.75 1.98
CA HIS A 197 3.88 -13.58 3.41
C HIS A 197 3.19 -12.29 3.83
N SER A 198 2.86 -12.28 5.11
CA SER A 198 2.45 -11.07 5.81
C SER A 198 3.63 -10.52 6.57
N THR A 199 3.76 -9.22 6.57
CA THR A 199 4.91 -8.53 7.12
C THR A 199 4.48 -7.45 8.07
N TYR A 200 5.30 -7.25 9.10
CA TYR A 200 5.05 -6.32 10.19
C TYR A 200 6.28 -5.44 10.37
N PRO A 201 6.30 -4.23 9.81
CA PRO A 201 7.42 -3.30 10.02
C PRO A 201 7.17 -2.46 11.27
N SER A 202 8.21 -2.31 12.09
CA SER A 202 8.13 -1.46 13.27
C SER A 202 9.53 -1.01 13.65
N HIS A 203 9.59 0.03 14.46
CA HIS A 203 10.88 0.55 14.93
C HIS A 203 10.68 1.38 16.18
N GLN A 204 11.73 1.42 17.02
CA GLN A 204 11.77 2.32 18.15
C GLN A 204 12.50 3.58 17.73
N TYR A 205 11.78 4.70 17.66
CA TYR A 205 12.31 5.98 17.24
C TYR A 205 12.91 6.77 18.38
N GLN A 206 12.54 6.41 19.61
CA GLN A 206 13.10 7.00 20.83
C GLN A 206 14.14 6.09 21.49
#